data_8OG8
#
_entry.id   8OG8
#
_cell.length_a   81.811
_cell.length_b   81.811
_cell.length_c   232.957
_cell.angle_alpha   90.000
_cell.angle_beta   90.000
_cell.angle_gamma   120.000
#
_symmetry.space_group_name_H-M   'P 61 2 2'
#
loop_
_entity.id
_entity.type
_entity.pdbx_description
1 polymer 'DDB1- and CUL4-associated factor 1'
2 non-polymer 5-(2-methyl-1-phenyl-propan-2-yl)imidazo[2,1-a]isoquinoline
3 non-polymer 'ACETATE ION'
4 non-polymer 1,2-ETHANEDIOL
5 water water
#
_entity_poly.entity_id   1
_entity_poly.type   'polypeptide(L)'
_entity_poly.pdbx_seq_one_letter_code
;GGGREPKQRRQAPINFTSRLNRRASFPKYGGVDGGCFDRHLIFSRFRPISVFREANEDESGFTCCAFSARERFLMLGTCT
GQLKLYNVFSGQEEASYNCHNSAITHLEPSRDGSLLLTSATWSQPLSALWGMKSVFDMKHSFTEDHYVEFSKHSQDRVIG
TKGDIAHIYDIQTGNKLLTLFNPDLANNYKRNCATFNPTDDLVLNDGVLWDVRSALAIHKFDKFNMNISGVFHPNGLEVI
INTEIWDLRTFHLLHTVPALDQCRVVFNHTGTVMYGAMLQADDEDDLMEERMKSPFGSSFRTFNATDYKPIATIDVKRNI
FDLCTDTKDCYLAVIENQGSMDALNMDTVCRLYEVGRQRLAEDEDEE
;
_entity_poly.pdbx_strand_id   A
#
# COMPACT_ATOMS: atom_id res chain seq x y z
N PHE A 46 -18.64 -11.00 -4.78
CA PHE A 46 -17.34 -11.50 -4.28
C PHE A 46 -17.54 -12.98 -3.93
N ARG A 47 -17.12 -13.86 -4.82
CA ARG A 47 -17.13 -15.30 -4.53
C ARG A 47 -15.76 -15.73 -3.97
N PRO A 48 -15.69 -16.42 -2.81
CA PRO A 48 -14.43 -16.96 -2.32
C PRO A 48 -13.88 -17.97 -3.34
N ILE A 49 -12.59 -17.93 -3.67
CA ILE A 49 -11.96 -18.83 -4.72
C ILE A 49 -10.89 -19.71 -4.05
N SER A 50 -10.20 -19.18 -3.05
CA SER A 50 -9.12 -19.88 -2.35
C SER A 50 -8.89 -19.22 -0.99
N VAL A 51 -8.32 -20.03 -0.11
CA VAL A 51 -7.86 -19.60 1.20
C VAL A 51 -6.58 -20.35 1.54
N PHE A 52 -5.63 -19.67 2.19
CA PHE A 52 -4.48 -20.43 2.71
C PHE A 52 -3.87 -19.69 3.88
N ARG A 53 -3.21 -20.49 4.71
CA ARG A 53 -2.45 -19.99 5.85
C ARG A 53 -0.97 -20.17 5.50
N GLU A 54 -0.12 -19.55 6.30
CA GLU A 54 1.32 -19.65 6.16
C GLU A 54 1.75 -21.05 6.47
N ALA A 55 2.62 -21.60 5.64
CA ALA A 55 3.19 -22.92 5.89
C ALA A 55 4.35 -22.75 6.88
N ASN A 56 4.72 -23.84 7.53
CA ASN A 56 6.04 -24.02 8.21
C ASN A 56 5.92 -23.30 9.58
N GLU A 57 4.69 -23.19 10.10
CA GLU A 57 4.40 -22.21 11.14
C GLU A 57 3.26 -22.70 11.99
N ASP A 58 3.52 -22.87 13.28
CA ASP A 58 2.45 -23.07 14.31
C ASP A 58 1.34 -22.03 14.10
N GLU A 59 1.72 -20.74 14.06
CA GLU A 59 0.73 -19.70 13.66
C GLU A 59 1.22 -18.99 12.40
N SER A 60 0.23 -18.47 11.75
CA SER A 60 0.24 -17.92 10.39
C SER A 60 0.37 -16.40 10.58
N GLY A 61 1.43 -15.83 10.00
CA GLY A 61 1.87 -14.45 10.23
C GLY A 61 1.90 -13.59 8.98
N PHE A 62 1.09 -13.89 7.99
CA PHE A 62 0.96 -12.97 6.84
C PHE A 62 0.54 -11.60 7.32
N THR A 63 1.19 -10.58 6.82
CA THR A 63 0.89 -9.17 7.20
C THR A 63 0.53 -8.29 5.99
N CYS A 64 0.93 -8.64 4.81
CA CYS A 64 0.75 -7.78 3.62
C CYS A 64 0.95 -8.62 2.36
N CYS A 65 0.40 -8.17 1.22
CA CYS A 65 0.45 -8.99 -0.01
C CYS A 65 0.43 -8.12 -1.26
N ALA A 66 0.97 -8.65 -2.35
CA ALA A 66 0.83 -8.06 -3.70
C ALA A 66 1.07 -9.14 -4.72
N PHE A 67 0.31 -9.14 -5.81
CA PHE A 67 0.55 -10.16 -6.83
C PHE A 67 1.92 -9.94 -7.44
N SER A 68 2.62 -11.02 -7.73
CA SER A 68 3.92 -10.88 -8.41
C SER A 68 3.63 -10.59 -9.89
N ALA A 69 4.65 -10.24 -10.67
CA ALA A 69 4.64 -10.24 -12.15
C ALA A 69 4.34 -11.64 -12.69
N ARG A 70 4.53 -12.73 -11.95
CA ARG A 70 4.13 -14.08 -12.43
C ARG A 70 2.69 -14.34 -11.99
N GLU A 71 1.77 -14.51 -12.93
CA GLU A 71 0.35 -14.86 -12.67
C GLU A 71 0.29 -16.14 -11.84
N ARG A 72 -0.66 -16.23 -10.89
CA ARG A 72 -0.93 -17.44 -10.05
C ARG A 72 -0.12 -17.34 -8.75
N PHE A 73 0.83 -16.37 -8.69
CA PHE A 73 1.76 -16.26 -7.51
C PHE A 73 1.54 -14.96 -6.76
N LEU A 74 1.29 -15.10 -5.46
CA LEU A 74 1.13 -13.91 -4.61
C LEU A 74 2.43 -13.78 -3.77
N MET A 75 2.90 -12.55 -3.59
CA MET A 75 3.99 -12.24 -2.63
C MET A 75 3.35 -11.79 -1.33
N LEU A 76 3.83 -12.30 -0.24
CA LEU A 76 3.34 -11.91 1.07
C LEU A 76 4.51 -11.63 1.99
N GLY A 77 4.34 -10.64 2.83
CA GLY A 77 5.21 -10.38 3.98
C GLY A 77 4.65 -11.01 5.20
N THR A 78 5.52 -11.28 6.15
CA THR A 78 5.20 -11.89 7.45
C THR A 78 5.65 -11.05 8.65
N CYS A 79 5.10 -11.43 9.78
CA CYS A 79 5.41 -10.82 11.07
C CYS A 79 6.86 -11.12 11.48
N THR A 80 7.60 -12.05 10.87
CA THR A 80 9.04 -12.28 11.21
C THR A 80 9.93 -11.67 10.10
N GLY A 81 9.35 -10.83 9.24
CA GLY A 81 10.04 -10.09 8.20
C GLY A 81 10.42 -10.92 7.00
N GLN A 82 9.77 -12.05 6.78
CA GLN A 82 9.99 -12.81 5.54
C GLN A 82 9.09 -12.29 4.40
N LEU A 83 9.64 -12.41 3.21
N LEU A 83 9.65 -12.34 3.21
CA LEU A 83 8.95 -12.30 1.91
CA LEU A 83 8.92 -12.29 1.94
C LEU A 83 8.84 -13.69 1.32
C LEU A 83 8.82 -13.70 1.38
N LYS A 84 7.62 -14.11 1.06
CA LYS A 84 7.30 -15.44 0.58
C LYS A 84 6.52 -15.32 -0.73
N LEU A 85 6.70 -16.35 -1.52
CA LEU A 85 5.94 -16.51 -2.75
C LEU A 85 5.05 -17.72 -2.58
N TYR A 86 3.75 -17.54 -2.83
CA TYR A 86 2.72 -18.59 -2.75
C TYR A 86 1.99 -18.70 -4.08
N ASN A 87 1.70 -19.92 -4.45
CA ASN A 87 0.58 -20.30 -5.32
C ASN A 87 -0.74 -19.96 -4.64
N VAL A 88 -1.40 -18.99 -5.21
CA VAL A 88 -2.65 -18.40 -4.68
C VAL A 88 -3.83 -19.41 -4.71
N PHE A 89 -3.80 -20.45 -5.56
CA PHE A 89 -4.88 -21.45 -5.66
C PHE A 89 -4.59 -22.69 -4.82
N SER A 90 -3.36 -23.20 -4.86
CA SER A 90 -3.03 -24.42 -4.06
C SER A 90 -2.66 -24.02 -2.63
N GLY A 91 -2.10 -22.84 -2.45
CA GLY A 91 -1.64 -22.46 -1.09
C GLY A 91 -0.21 -22.90 -0.79
N GLN A 92 0.48 -23.44 -1.82
CA GLN A 92 1.88 -23.91 -1.78
C GLN A 92 2.81 -22.71 -1.64
N GLU A 93 3.64 -22.74 -0.60
CA GLU A 93 4.81 -21.86 -0.48
C GLU A 93 5.88 -22.26 -1.54
N GLU A 94 6.26 -21.37 -2.42
CA GLU A 94 7.26 -21.58 -3.50
C GLU A 94 8.65 -21.04 -3.11
N ALA A 95 8.74 -19.95 -2.35
CA ALA A 95 10.05 -19.39 -1.99
C ALA A 95 9.91 -18.51 -0.74
N SER A 96 11.03 -18.25 -0.10
CA SER A 96 11.11 -17.52 1.17
C SER A 96 12.44 -16.79 1.26
N TYR A 97 12.43 -15.56 1.76
CA TYR A 97 13.63 -14.78 2.05
C TYR A 97 13.40 -13.91 3.28
N ASN A 98 14.40 -13.84 4.14
CA ASN A 98 14.32 -12.98 5.34
C ASN A 98 14.77 -11.55 4.95
N CYS A 99 13.83 -10.65 4.65
CA CYS A 99 14.14 -9.28 4.27
C CYS A 99 14.40 -8.42 5.48
N HIS A 100 13.79 -8.74 6.61
CA HIS A 100 13.87 -7.89 7.82
C HIS A 100 13.69 -8.69 9.11
N ASN A 101 14.29 -8.18 10.19
CA ASN A 101 14.19 -8.78 11.53
C ASN A 101 13.10 -8.05 12.32
N SER A 102 12.07 -7.57 11.68
CA SER A 102 10.82 -7.15 12.33
C SER A 102 9.72 -7.34 11.27
N ALA A 103 8.48 -7.23 11.67
CA ALA A 103 7.34 -7.50 10.78
C ALA A 103 7.39 -6.60 9.54
N ILE A 104 7.02 -7.21 8.40
CA ILE A 104 6.81 -6.45 7.16
C ILE A 104 5.46 -5.72 7.25
N THR A 105 5.45 -4.43 6.98
CA THR A 105 4.25 -3.57 7.10
C THR A 105 3.82 -3.15 5.69
N HIS A 106 4.64 -3.38 4.68
CA HIS A 106 4.26 -2.92 3.32
C HIS A 106 5.16 -3.59 2.32
N LEU A 107 4.66 -3.93 1.14
CA LEU A 107 5.55 -4.32 0.04
C LEU A 107 4.95 -3.83 -1.26
N GLU A 108 5.79 -3.63 -2.24
CA GLU A 108 5.37 -3.26 -3.61
C GLU A 108 6.32 -3.86 -4.60
N PRO A 109 5.88 -4.79 -5.45
CA PRO A 109 6.70 -5.24 -6.54
C PRO A 109 6.67 -4.25 -7.69
N SER A 110 7.73 -4.23 -8.47
CA SER A 110 7.78 -3.43 -9.70
C SER A 110 6.96 -4.18 -10.73
N ARG A 111 6.40 -3.48 -11.70
CA ARG A 111 5.64 -4.09 -12.85
C ARG A 111 6.49 -5.01 -13.69
N ASP A 112 7.76 -4.69 -13.94
CA ASP A 112 8.57 -5.57 -14.81
C ASP A 112 9.12 -6.79 -14.05
N GLY A 113 8.78 -7.02 -12.80
CA GLY A 113 9.17 -8.27 -12.11
C GLY A 113 10.56 -8.22 -11.50
N SER A 114 11.33 -7.15 -11.71
CA SER A 114 12.78 -7.19 -11.40
C SER A 114 13.06 -6.56 -10.01
N LEU A 115 12.12 -5.86 -9.39
CA LEU A 115 12.41 -5.16 -8.12
C LEU A 115 11.24 -5.29 -7.15
N LEU A 116 11.53 -5.08 -5.88
CA LEU A 116 10.55 -5.09 -4.78
C LEU A 116 10.98 -4.13 -3.68
N LEU A 117 10.04 -3.32 -3.24
CA LEU A 117 10.16 -2.53 -2.03
C LEU A 117 9.53 -3.26 -0.84
N THR A 118 10.13 -3.09 0.30
CA THR A 118 9.59 -3.58 1.59
C THR A 118 9.78 -2.51 2.65
N SER A 119 8.88 -2.52 3.63
CA SER A 119 9.02 -1.73 4.86
C SER A 119 8.74 -2.67 6.03
N ALA A 120 9.46 -2.50 7.12
CA ALA A 120 9.44 -3.36 8.30
C ALA A 120 8.81 -2.50 9.42
N THR A 121 9.04 -2.82 10.67
CA THR A 121 8.37 -2.20 11.84
C THR A 121 9.38 -1.38 12.65
N TRP A 122 10.44 -1.95 13.18
CA TRP A 122 11.40 -1.21 14.05
C TRP A 122 12.87 -1.49 13.66
N SER A 123 13.06 -2.31 12.66
N SER A 123 13.12 -2.44 12.79
CA SER A 123 14.39 -2.74 12.18
CA SER A 123 14.48 -2.83 12.38
C SER A 123 15.10 -1.56 11.50
C SER A 123 15.09 -1.75 11.47
N GLN A 124 16.40 -1.60 11.49
CA GLN A 124 17.18 -0.56 10.77
C GLN A 124 18.05 -1.34 9.81
N PRO A 125 17.96 -1.13 8.48
CA PRO A 125 17.13 -0.09 7.89
C PRO A 125 15.65 -0.48 7.88
N LEU A 126 14.79 0.51 7.90
CA LEU A 126 13.35 0.34 8.00
C LEU A 126 12.73 -0.10 6.67
N SER A 127 13.20 0.46 5.56
CA SER A 127 12.72 0.11 4.22
C SER A 127 13.91 -0.31 3.35
N ALA A 128 13.65 -1.13 2.34
CA ALA A 128 14.66 -1.60 1.39
C ALA A 128 14.06 -1.87 0.02
N LEU A 129 14.98 -1.87 -0.95
CA LEU A 129 14.77 -2.23 -2.35
C LEU A 129 15.58 -3.49 -2.65
N TRP A 130 14.92 -4.50 -3.21
CA TRP A 130 15.44 -5.84 -3.51
C TRP A 130 15.37 -6.11 -5.02
N GLY A 131 16.37 -6.77 -5.57
CA GLY A 131 16.40 -7.31 -6.94
C GLY A 131 15.94 -8.72 -6.89
N MET A 132 15.14 -9.16 -7.86
CA MET A 132 14.54 -10.50 -7.84
C MET A 132 14.82 -11.29 -9.13
N LYS A 133 15.75 -10.80 -9.94
CA LYS A 133 16.27 -11.47 -11.16
C LYS A 133 17.37 -12.45 -10.76
N SER A 134 17.12 -13.77 -10.91
CA SER A 134 18.07 -14.90 -10.73
C SER A 134 18.33 -15.16 -9.24
N VAL A 135 18.90 -14.17 -8.56
CA VAL A 135 19.24 -14.22 -7.12
C VAL A 135 18.48 -13.07 -6.45
N PHE A 136 17.92 -13.35 -5.28
CA PHE A 136 17.21 -12.34 -4.46
C PHE A 136 18.26 -11.56 -3.67
N ASP A 137 18.43 -10.26 -3.89
CA ASP A 137 19.50 -9.53 -3.16
C ASP A 137 19.01 -8.12 -2.81
N MET A 138 19.70 -7.45 -1.91
CA MET A 138 19.37 -6.09 -1.51
C MET A 138 20.09 -5.17 -2.46
N LYS A 139 19.40 -4.20 -3.05
CA LYS A 139 20.04 -3.18 -3.92
C LYS A 139 20.32 -1.93 -3.10
N HIS A 140 19.34 -1.43 -2.37
CA HIS A 140 19.51 -0.21 -1.59
C HIS A 140 18.67 -0.32 -0.33
N SER A 141 18.95 0.49 0.65
CA SER A 141 18.06 0.58 1.81
C SER A 141 17.81 2.04 2.09
N PHE A 142 16.75 2.31 2.81
CA PHE A 142 16.24 3.69 3.07
C PHE A 142 16.08 3.69 4.58
N THR A 143 17.14 4.02 5.27
CA THR A 143 17.35 3.93 6.70
C THR A 143 16.09 4.28 7.52
N GLU A 144 15.60 5.51 7.58
CA GLU A 144 14.48 5.74 8.49
C GLU A 144 13.13 5.94 7.75
N ASP A 145 13.03 5.69 6.45
CA ASP A 145 11.71 5.74 5.78
C ASP A 145 10.87 4.52 6.19
N HIS A 146 9.70 4.78 6.75
CA HIS A 146 8.81 3.73 7.29
C HIS A 146 7.81 3.24 6.24
N TYR A 147 7.86 3.82 5.06
CA TYR A 147 7.00 3.50 3.94
C TYR A 147 7.66 3.94 2.64
N VAL A 148 7.51 3.18 1.56
CA VAL A 148 8.14 3.46 0.24
C VAL A 148 7.20 2.99 -0.85
N GLU A 149 7.22 3.71 -1.97
CA GLU A 149 6.47 3.37 -3.18
C GLU A 149 7.39 3.59 -4.36
N PHE A 150 7.12 2.91 -5.47
CA PHE A 150 7.70 3.30 -6.77
C PHE A 150 6.96 4.51 -7.37
N SER A 151 7.69 5.21 -8.23
CA SER A 151 7.09 6.09 -9.23
C SER A 151 6.22 5.22 -10.16
N LYS A 152 5.34 5.81 -10.96
CA LYS A 152 4.22 5.05 -11.59
C LYS A 152 4.36 4.94 -13.08
N HIS A 153 4.72 6.01 -13.78
CA HIS A 153 4.77 6.03 -15.27
C HIS A 153 6.03 5.28 -15.69
N SER A 154 7.12 5.73 -15.14
CA SER A 154 8.43 5.10 -15.33
C SER A 154 8.92 4.74 -13.93
N GLN A 155 9.15 3.48 -13.65
CA GLN A 155 9.49 3.13 -12.25
C GLN A 155 11.02 3.18 -12.13
N ASP A 156 11.61 4.37 -12.17
CA ASP A 156 13.05 4.61 -11.95
C ASP A 156 13.31 5.36 -10.64
N ARG A 157 12.28 5.65 -9.87
CA ARG A 157 12.41 6.33 -8.56
C ARG A 157 11.61 5.64 -7.47
N VAL A 158 12.08 5.88 -6.24
CA VAL A 158 11.35 5.50 -5.03
C VAL A 158 10.99 6.80 -4.31
N ILE A 159 9.83 6.79 -3.69
CA ILE A 159 9.41 7.86 -2.76
C ILE A 159 9.17 7.22 -1.39
N GLY A 160 9.89 7.73 -0.41
CA GLY A 160 9.78 7.27 0.96
C GLY A 160 9.19 8.36 1.82
N THR A 161 8.55 7.94 2.88
CA THR A 161 7.95 8.78 3.92
C THR A 161 8.69 8.53 5.22
N LYS A 162 9.09 9.61 5.82
CA LYS A 162 9.52 9.67 7.22
C LYS A 162 8.68 10.69 7.99
N GLY A 163 7.71 10.26 8.77
CA GLY A 163 6.80 11.20 9.46
C GLY A 163 6.15 12.14 8.42
N ASP A 164 6.41 13.42 8.55
CA ASP A 164 5.83 14.49 7.70
C ASP A 164 6.60 14.70 6.39
N ILE A 165 7.74 14.05 6.24
CA ILE A 165 8.76 14.37 5.20
C ILE A 165 8.71 13.31 4.12
N ALA A 166 8.77 13.71 2.86
CA ALA A 166 8.97 12.76 1.73
C ALA A 166 10.41 12.86 1.23
N HIS A 167 10.95 11.71 0.84
CA HIS A 167 12.28 11.60 0.20
C HIS A 167 12.11 10.90 -1.13
N ILE A 168 12.65 11.44 -2.20
CA ILE A 168 12.66 10.77 -3.52
C ILE A 168 14.09 10.27 -3.80
N TYR A 169 14.23 9.04 -4.23
CA TYR A 169 15.51 8.38 -4.50
C TYR A 169 15.50 7.89 -5.92
N ASP A 170 16.68 7.92 -6.48
CA ASP A 170 16.99 7.25 -7.76
C ASP A 170 17.14 5.75 -7.50
N ILE A 171 16.50 4.94 -8.33
CA ILE A 171 16.63 3.46 -8.19
C ILE A 171 18.06 3.01 -8.51
N GLN A 172 18.68 3.49 -9.53
CA GLN A 172 20.01 3.00 -9.93
C GLN A 172 21.10 3.30 -8.89
N THR A 173 21.21 4.55 -8.48
CA THR A 173 22.30 4.99 -7.60
C THR A 173 21.86 4.84 -6.16
N GLY A 174 20.58 4.81 -5.87
CA GLY A 174 20.10 4.84 -4.48
C GLY A 174 20.13 6.24 -3.90
N ASN A 175 20.57 7.23 -4.67
CA ASN A 175 20.85 8.58 -4.12
C ASN A 175 19.51 9.25 -3.81
N LYS A 176 19.50 10.03 -2.75
CA LYS A 176 18.39 10.94 -2.40
C LYS A 176 18.47 12.14 -3.31
N LEU A 177 17.47 12.32 -4.16
CA LEU A 177 17.38 13.41 -5.12
C LEU A 177 16.71 14.62 -4.49
N LEU A 178 15.67 14.41 -3.71
CA LEU A 178 14.79 15.50 -3.17
C LEU A 178 14.28 15.11 -1.81
N THR A 179 14.12 16.12 -0.97
CA THR A 179 13.37 16.09 0.29
C THR A 179 12.22 17.06 0.11
N LEU A 180 10.98 16.62 0.22
CA LEU A 180 9.79 17.54 0.18
C LEU A 180 9.22 17.66 1.58
N PHE A 181 9.32 18.84 2.11
CA PHE A 181 8.84 19.16 3.46
C PHE A 181 8.82 20.70 3.57
N ASN A 182 7.71 21.24 4.00
CA ASN A 182 7.51 22.67 4.29
C ASN A 182 6.80 22.75 5.64
N PRO A 183 7.52 23.18 6.68
CA PRO A 183 6.99 23.11 8.04
C PRO A 183 5.75 24.03 8.18
N ASP A 184 5.63 25.09 7.39
CA ASP A 184 4.43 25.96 7.43
C ASP A 184 3.21 25.30 6.78
N LEU A 185 3.36 24.26 5.95
CA LEU A 185 2.20 23.71 5.24
C LEU A 185 1.82 22.33 5.78
N ALA A 186 2.56 21.79 6.71
CA ALA A 186 2.34 20.40 7.21
C ALA A 186 0.95 20.28 7.83
N ASN A 187 0.31 19.15 7.59
CA ASN A 187 -0.91 18.66 8.28
C ASN A 187 -0.57 17.67 9.38
N ASN A 188 0.64 17.09 9.40
CA ASN A 188 1.03 16.12 10.46
C ASN A 188 0.05 14.95 10.52
N TYR A 189 -0.38 14.46 9.38
CA TYR A 189 -1.25 13.26 9.33
C TYR A 189 -0.53 12.06 9.97
N LYS A 190 -1.20 11.32 10.88
CA LYS A 190 -0.55 10.16 11.56
C LYS A 190 -0.28 9.00 10.63
N ARG A 191 -0.92 8.90 9.47
CA ARG A 191 -0.69 7.77 8.54
C ARG A 191 -0.29 8.36 7.19
N ASN A 192 0.50 9.42 7.29
CA ASN A 192 1.08 10.07 6.09
C ASN A 192 1.75 9.01 5.22
N CYS A 193 1.39 8.97 3.94
CA CYS A 193 2.09 8.17 2.90
C CYS A 193 2.28 9.07 1.69
N ALA A 194 3.49 9.52 1.42
CA ALA A 194 3.89 10.22 0.20
C ALA A 194 3.77 9.36 -1.05
N THR A 195 3.26 9.95 -2.10
CA THR A 195 2.91 9.21 -3.33
C THR A 195 3.06 10.10 -4.58
N PHE A 196 3.51 9.51 -5.68
CA PHE A 196 3.53 10.16 -6.99
C PHE A 196 2.15 10.09 -7.63
N ASN A 197 1.89 11.00 -8.57
CA ASN A 197 0.71 10.96 -9.45
C ASN A 197 1.05 10.05 -10.61
N PRO A 198 0.07 9.65 -11.44
CA PRO A 198 0.35 8.70 -12.52
C PRO A 198 1.42 9.12 -13.52
N THR A 199 1.69 10.41 -13.66
CA THR A 199 2.75 10.86 -14.61
C THR A 199 4.10 11.15 -13.89
N ASP A 200 4.23 10.99 -12.58
CA ASP A 200 5.51 11.14 -11.82
C ASP A 200 5.92 12.61 -11.74
N ASP A 201 5.04 13.56 -12.04
CA ASP A 201 5.47 14.97 -12.01
C ASP A 201 4.85 15.71 -10.82
N LEU A 202 3.89 15.10 -10.12
CA LEU A 202 3.30 15.64 -8.86
C LEU A 202 3.42 14.60 -7.74
N VAL A 203 3.59 15.12 -6.54
CA VAL A 203 3.59 14.31 -5.31
C VAL A 203 2.57 14.88 -4.35
N LEU A 204 1.93 14.00 -3.66
CA LEU A 204 1.13 14.31 -2.47
C LEU A 204 1.91 13.84 -1.27
N ASN A 205 2.14 14.75 -0.35
CA ASN A 205 2.81 14.42 0.89
C ASN A 205 2.13 15.24 1.97
N ASP A 206 1.56 14.56 2.92
CA ASP A 206 0.99 15.18 4.13
C ASP A 206 -0.07 16.21 3.73
N GLY A 207 -0.89 15.88 2.75
CA GLY A 207 -1.97 16.81 2.36
C GLY A 207 -1.50 17.98 1.54
N VAL A 208 -0.23 17.97 1.14
CA VAL A 208 0.37 19.00 0.27
C VAL A 208 0.74 18.41 -1.10
N LEU A 209 0.33 19.13 -2.11
CA LEU A 209 0.59 18.87 -3.52
C LEU A 209 1.88 19.56 -3.89
N TRP A 210 2.83 18.78 -4.34
CA TRP A 210 4.14 19.26 -4.76
C TRP A 210 4.32 19.08 -6.25
N ASP A 211 5.06 20.00 -6.85
CA ASP A 211 5.53 19.84 -8.23
C ASP A 211 6.94 19.29 -8.11
N VAL A 212 7.22 18.12 -8.68
CA VAL A 212 8.49 17.43 -8.52
C VAL A 212 9.60 18.21 -9.24
N ARG A 213 9.37 18.65 -10.47
CA ARG A 213 10.41 19.35 -11.26
C ARG A 213 10.86 20.64 -10.54
N SER A 214 9.98 21.40 -9.88
CA SER A 214 10.32 22.69 -9.26
C SER A 214 10.71 22.49 -7.79
N ALA A 215 10.37 21.32 -7.26
CA ALA A 215 10.39 21.00 -5.81
C ALA A 215 9.69 22.12 -5.05
N LEU A 216 8.56 22.60 -5.53
CA LEU A 216 7.72 23.64 -4.87
C LEU A 216 6.35 23.06 -4.49
N ALA A 217 5.81 23.50 -3.36
CA ALA A 217 4.42 23.17 -2.93
C ALA A 217 3.48 23.99 -3.77
N ILE A 218 2.49 23.38 -4.38
CA ILE A 218 1.56 24.07 -5.31
C ILE A 218 0.34 24.47 -4.50
N HIS A 219 -0.08 23.61 -3.59
CA HIS A 219 -1.35 23.76 -2.84
C HIS A 219 -1.28 22.91 -1.59
N LYS A 220 -1.79 23.46 -0.48
CA LYS A 220 -2.05 22.69 0.71
C LYS A 220 -3.55 22.42 0.78
N PHE A 221 -3.98 21.16 0.77
CA PHE A 221 -5.38 20.82 1.13
C PHE A 221 -5.58 20.93 2.64
N ASP A 222 -6.68 21.58 3.05
CA ASP A 222 -7.10 21.69 4.48
C ASP A 222 -7.19 20.30 5.10
N LYS A 223 -6.85 20.26 6.37
CA LYS A 223 -6.94 19.05 7.20
C LYS A 223 -8.36 18.84 7.75
N PHE A 224 -8.94 17.70 7.45
CA PHE A 224 -10.29 17.37 7.93
C PHE A 224 -10.32 16.05 8.68
N ASN A 225 -9.17 15.43 8.93
CA ASN A 225 -9.09 14.20 9.75
C ASN A 225 -7.66 14.12 10.35
N MET A 226 -7.40 13.15 11.21
CA MET A 226 -6.12 13.03 11.94
C MET A 226 -5.15 12.13 11.19
N ASN A 227 -5.61 11.24 10.30
CA ASN A 227 -4.80 10.09 9.88
C ASN A 227 -4.47 10.01 8.39
N ILE A 228 -5.49 10.10 7.52
CA ILE A 228 -5.40 9.76 6.06
C ILE A 228 -4.91 11.00 5.31
N SER A 229 -3.89 10.86 4.48
CA SER A 229 -3.22 11.98 3.80
C SER A 229 -3.62 12.07 2.33
N GLY A 230 -4.05 10.96 1.74
CA GLY A 230 -4.66 10.96 0.41
C GLY A 230 -3.89 10.21 -0.66
N VAL A 231 -4.58 9.96 -1.76
CA VAL A 231 -3.97 9.35 -2.95
C VAL A 231 -4.40 10.14 -4.18
N PHE A 232 -3.71 9.88 -5.28
CA PHE A 232 -4.09 10.41 -6.59
C PHE A 232 -5.03 9.40 -7.23
N HIS A 233 -6.07 9.86 -7.85
CA HIS A 233 -6.88 9.00 -8.72
C HIS A 233 -5.99 8.68 -9.92
N PRO A 234 -6.15 7.47 -10.50
CA PRO A 234 -5.42 7.11 -11.73
C PRO A 234 -5.78 7.93 -12.97
N ASN A 235 -6.86 8.72 -12.96
CA ASN A 235 -7.21 9.59 -14.11
C ASN A 235 -6.27 10.80 -14.14
N GLY A 236 -5.44 11.06 -13.12
CA GLY A 236 -4.56 12.22 -13.15
C GLY A 236 -5.25 13.53 -12.78
N LEU A 237 -6.56 13.56 -12.60
CA LEU A 237 -7.29 14.85 -12.46
C LEU A 237 -7.83 15.09 -11.04
N GLU A 238 -7.77 14.11 -10.16
CA GLU A 238 -8.49 14.15 -8.87
C GLU A 238 -7.56 13.59 -7.82
N VAL A 239 -7.83 13.99 -6.60
CA VAL A 239 -7.13 13.47 -5.43
C VAL A 239 -8.25 13.14 -4.44
N ILE A 240 -8.06 12.05 -3.72
CA ILE A 240 -9.00 11.48 -2.76
C ILE A 240 -8.30 11.62 -1.44
N ILE A 241 -8.74 12.55 -0.61
CA ILE A 241 -8.14 12.71 0.76
C ILE A 241 -9.19 12.42 1.79
N ASN A 242 -9.18 11.18 2.29
CA ASN A 242 -10.22 10.74 3.23
C ASN A 242 -11.62 10.82 2.59
N THR A 243 -12.54 11.66 3.10
CA THR A 243 -13.91 11.78 2.62
C THR A 243 -13.97 12.83 1.48
N GLU A 244 -12.92 13.57 1.23
CA GLU A 244 -12.91 14.64 0.22
C GLU A 244 -12.31 14.16 -1.13
N ILE A 245 -12.99 14.49 -2.22
CA ILE A 245 -12.42 14.37 -3.58
C ILE A 245 -12.24 15.77 -4.13
N TRP A 246 -11.02 16.11 -4.47
CA TRP A 246 -10.64 17.47 -4.92
C TRP A 246 -10.22 17.36 -6.38
N ASP A 247 -10.59 18.36 -7.16
CA ASP A 247 -10.13 18.55 -8.57
C ASP A 247 -8.70 19.15 -8.55
N LEU A 248 -7.77 18.59 -9.31
CA LEU A 248 -6.40 19.12 -9.36
C LEU A 248 -6.26 20.36 -10.23
N ARG A 249 -7.24 20.65 -11.08
CA ARG A 249 -7.18 21.82 -11.98
C ARG A 249 -7.83 23.03 -11.31
N THR A 250 -8.88 22.83 -10.53
CA THR A 250 -9.64 23.95 -9.94
C THR A 250 -9.52 23.99 -8.41
N PHE A 251 -9.15 22.91 -7.72
CA PHE A 251 -9.14 22.74 -6.25
C PHE A 251 -10.57 22.86 -5.69
N HIS A 252 -11.62 22.80 -6.52
CA HIS A 252 -13.01 22.64 -6.02
C HIS A 252 -13.15 21.28 -5.37
N LEU A 253 -14.08 21.19 -4.42
CA LEU A 253 -14.52 19.92 -3.86
C LEU A 253 -15.49 19.25 -4.86
N LEU A 254 -15.16 18.08 -5.40
CA LEU A 254 -16.05 17.39 -6.37
C LEU A 254 -17.08 16.53 -5.66
N HIS A 255 -16.70 15.79 -4.63
CA HIS A 255 -17.55 14.83 -3.92
C HIS A 255 -17.16 14.77 -2.44
N THR A 256 -18.14 14.47 -1.61
CA THR A 256 -18.02 14.05 -0.22
C THR A 256 -18.42 12.58 -0.20
N VAL A 257 -17.56 11.72 0.28
CA VAL A 257 -17.88 10.28 0.39
C VAL A 257 -17.68 9.87 1.84
N PRO A 258 -18.73 9.98 2.65
CA PRO A 258 -18.63 9.71 4.08
C PRO A 258 -18.04 8.35 4.35
N ALA A 259 -18.41 7.35 3.56
CA ALA A 259 -18.01 5.94 3.82
C ALA A 259 -16.52 5.74 3.57
N LEU A 260 -15.83 6.65 2.89
CA LEU A 260 -14.34 6.62 2.87
C LEU A 260 -13.63 7.11 4.15
N ASP A 261 -14.31 7.54 5.21
CA ASP A 261 -13.61 8.05 6.43
C ASP A 261 -12.67 6.97 6.95
N GLN A 262 -11.39 7.31 7.09
CA GLN A 262 -10.39 6.49 7.76
C GLN A 262 -10.05 5.29 6.89
N CYS A 263 -10.37 5.39 5.60
CA CYS A 263 -10.09 4.30 4.64
C CYS A 263 -8.85 4.53 3.82
N ARG A 264 -8.06 3.46 3.75
CA ARG A 264 -6.92 3.27 2.85
C ARG A 264 -7.53 2.86 1.51
N VAL A 265 -7.36 3.66 0.50
CA VAL A 265 -7.96 3.43 -0.84
C VAL A 265 -6.96 2.66 -1.73
N VAL A 266 -7.42 1.66 -2.41
CA VAL A 266 -6.71 0.92 -3.47
C VAL A 266 -7.61 0.94 -4.76
N PHE A 267 -7.04 1.21 -5.93
CA PHE A 267 -7.74 1.07 -7.23
C PHE A 267 -7.46 -0.27 -7.92
N ASN A 268 -8.43 -0.77 -8.66
CA ASN A 268 -8.09 -1.90 -9.55
C ASN A 268 -7.18 -1.35 -10.68
N HIS A 269 -6.60 -2.21 -11.52
CA HIS A 269 -5.57 -1.84 -12.52
C HIS A 269 -6.25 -1.05 -13.65
N THR A 270 -7.50 -1.28 -13.99
CA THR A 270 -8.14 -0.46 -15.05
C THR A 270 -8.60 0.88 -14.49
N GLY A 271 -8.56 1.12 -13.19
CA GLY A 271 -9.03 2.38 -12.63
C GLY A 271 -10.53 2.55 -12.67
N THR A 272 -11.32 1.48 -12.59
CA THR A 272 -12.80 1.59 -12.67
C THR A 272 -13.44 1.35 -11.31
N VAL A 273 -12.68 0.80 -10.39
CA VAL A 273 -13.23 0.43 -9.07
C VAL A 273 -12.18 0.81 -8.03
N MET A 274 -12.66 1.30 -6.91
CA MET A 274 -11.84 1.74 -5.78
C MET A 274 -12.27 0.92 -4.57
N TYR A 275 -11.31 0.37 -3.86
CA TYR A 275 -11.51 -0.49 -2.66
C TYR A 275 -11.06 0.34 -1.45
N GLY A 276 -11.90 0.40 -0.40
CA GLY A 276 -11.61 1.10 0.88
C GLY A 276 -11.62 0.14 2.06
N ALA A 277 -10.53 -0.01 2.81
CA ALA A 277 -10.51 -0.69 4.12
C ALA A 277 -10.26 0.37 5.20
N MET A 278 -10.96 0.28 6.29
CA MET A 278 -11.10 1.37 7.28
C MET A 278 -10.11 1.04 8.39
N LEU A 279 -9.30 2.02 8.81
CA LEU A 279 -8.39 1.91 9.95
C LEU A 279 -9.10 1.41 11.18
N GLN A 280 -8.44 0.54 11.96
CA GLN A 280 -8.95 0.09 13.28
C GLN A 280 -9.07 1.28 14.24
N ALA A 281 -10.13 1.39 15.06
CA ALA A 281 -10.28 2.38 16.16
C ALA A 281 -9.07 2.29 17.11
N MET A 292 -0.02 -8.36 17.77
CA MET A 292 0.14 -7.58 16.52
C MET A 292 -1.23 -6.96 16.12
N LYS A 293 -1.46 -5.68 16.44
CA LYS A 293 -2.76 -5.03 16.12
C LYS A 293 -2.97 -4.99 14.59
N SER A 294 -4.15 -5.33 14.15
CA SER A 294 -4.57 -5.11 12.75
C SER A 294 -4.50 -3.62 12.39
N PRO A 295 -4.01 -3.21 11.23
CA PRO A 295 -4.20 -1.85 10.75
C PRO A 295 -5.66 -1.53 10.39
N PHE A 296 -6.46 -2.52 9.94
CA PHE A 296 -7.86 -2.27 9.47
C PHE A 296 -8.85 -3.10 10.29
N GLY A 297 -10.12 -2.66 10.24
CA GLY A 297 -11.28 -3.39 10.74
C GLY A 297 -11.64 -4.51 9.79
N SER A 298 -12.86 -4.98 9.84
CA SER A 298 -13.18 -6.29 9.25
C SER A 298 -14.05 -6.12 8.00
N SER A 299 -14.23 -4.92 7.51
CA SER A 299 -15.06 -4.69 6.32
C SER A 299 -14.26 -3.88 5.32
N PHE A 300 -14.54 -4.10 4.05
CA PHE A 300 -13.98 -3.24 3.00
C PHE A 300 -15.17 -2.79 2.15
N ARG A 301 -14.99 -1.69 1.45
CA ARG A 301 -16.07 -1.06 0.67
C ARG A 301 -15.59 -0.90 -0.77
N THR A 302 -16.45 -1.01 -1.72
CA THR A 302 -16.01 -0.74 -3.10
C THR A 302 -16.92 0.35 -3.64
N PHE A 303 -16.34 1.15 -4.52
CA PHE A 303 -16.94 2.35 -5.11
C PHE A 303 -16.63 2.34 -6.59
N ASN A 304 -17.54 2.84 -7.39
CA ASN A 304 -17.27 3.15 -8.80
C ASN A 304 -16.26 4.30 -8.81
N ALA A 305 -15.18 4.12 -9.55
CA ALA A 305 -14.09 5.09 -9.56
C ALA A 305 -14.45 6.28 -10.43
N THR A 306 -15.50 6.22 -11.29
CA THR A 306 -15.79 7.36 -12.18
C THR A 306 -16.78 8.33 -11.50
N ASP A 307 -17.76 7.81 -10.76
CA ASP A 307 -18.75 8.68 -10.08
C ASP A 307 -18.73 8.46 -8.56
N TYR A 308 -17.83 7.64 -8.02
CA TYR A 308 -17.70 7.45 -6.54
C TYR A 308 -18.99 6.91 -5.91
N LYS A 309 -19.85 6.27 -6.63
CA LYS A 309 -21.07 5.64 -6.03
C LYS A 309 -20.71 4.32 -5.38
N PRO A 310 -21.37 3.95 -4.25
CA PRO A 310 -21.03 2.72 -3.54
C PRO A 310 -21.44 1.53 -4.40
N ILE A 311 -20.58 0.52 -4.52
CA ILE A 311 -20.93 -0.76 -5.17
C ILE A 311 -21.22 -1.82 -4.09
N ALA A 312 -20.30 -2.11 -3.17
CA ALA A 312 -20.53 -3.14 -2.12
C ALA A 312 -19.88 -2.76 -0.78
N THR A 313 -20.45 -3.23 0.32
CA THR A 313 -19.85 -3.25 1.67
C THR A 313 -19.70 -4.72 2.03
N ILE A 314 -18.48 -5.19 2.25
CA ILE A 314 -18.23 -6.62 2.54
C ILE A 314 -17.68 -6.67 3.96
N ASP A 315 -18.40 -7.30 4.89
CA ASP A 315 -17.83 -7.53 6.24
C ASP A 315 -17.32 -8.98 6.30
N VAL A 316 -16.03 -9.17 6.31
CA VAL A 316 -15.47 -10.56 6.25
C VAL A 316 -15.37 -11.10 7.68
N LYS A 317 -15.64 -10.29 8.69
CA LYS A 317 -15.83 -10.71 10.11
C LYS A 317 -14.51 -11.04 10.81
N ARG A 318 -13.40 -10.63 10.25
CA ARG A 318 -12.02 -10.84 10.70
C ARG A 318 -11.36 -9.51 10.36
N ASN A 319 -10.50 -9.01 11.23
CA ASN A 319 -9.72 -7.78 10.95
C ASN A 319 -8.86 -7.97 9.69
N ILE A 320 -8.76 -6.92 8.89
CA ILE A 320 -8.02 -6.98 7.59
C ILE A 320 -6.64 -6.38 7.84
N PHE A 321 -5.63 -7.04 7.27
CA PHE A 321 -4.24 -6.56 7.29
C PHE A 321 -3.88 -5.93 5.95
N ASP A 322 -4.44 -6.44 4.84
CA ASP A 322 -4.08 -5.92 3.49
C ASP A 322 -5.04 -6.49 2.42
N LEU A 323 -5.14 -5.81 1.29
CA LEU A 323 -5.89 -6.23 0.12
C LEU A 323 -5.24 -5.69 -1.14
N CYS A 324 -5.44 -6.35 -2.26
CA CYS A 324 -4.76 -6.00 -3.51
C CYS A 324 -5.48 -6.76 -4.60
N THR A 325 -5.39 -6.27 -5.85
CA THR A 325 -5.95 -6.94 -7.03
C THR A 325 -4.80 -7.38 -7.95
N ASP A 326 -5.04 -8.38 -8.75
CA ASP A 326 -4.18 -8.87 -9.85
C ASP A 326 -4.27 -7.85 -10.97
N THR A 327 -3.33 -7.93 -11.91
CA THR A 327 -3.25 -6.91 -12.99
C THR A 327 -4.44 -7.08 -13.92
N LYS A 328 -5.09 -8.25 -14.02
CA LYS A 328 -6.28 -8.38 -14.88
C LYS A 328 -7.55 -8.03 -14.12
N ASP A 329 -7.45 -7.74 -12.82
CA ASP A 329 -8.64 -7.35 -12.02
C ASP A 329 -9.72 -8.44 -11.98
N CYS A 330 -9.31 -9.68 -12.02
CA CYS A 330 -10.21 -10.83 -11.82
C CYS A 330 -10.35 -11.08 -10.31
N TYR A 331 -9.34 -10.79 -9.50
CA TYR A 331 -9.29 -11.25 -8.09
C TYR A 331 -8.98 -10.14 -7.12
N LEU A 332 -9.50 -10.31 -5.91
CA LEU A 332 -9.08 -9.54 -4.73
C LEU A 332 -8.50 -10.52 -3.70
N ALA A 333 -7.25 -10.28 -3.31
CA ALA A 333 -6.57 -11.03 -2.27
C ALA A 333 -6.64 -10.18 -1.01
N VAL A 334 -7.09 -10.79 0.04
CA VAL A 334 -7.31 -10.12 1.35
C VAL A 334 -6.59 -10.92 2.44
N ILE A 335 -5.79 -10.24 3.25
N ILE A 335 -5.81 -10.24 3.27
CA ILE A 335 -5.17 -10.83 4.48
CA ILE A 335 -5.21 -10.87 4.47
C ILE A 335 -6.14 -10.57 5.61
C ILE A 335 -6.12 -10.57 5.63
N GLU A 336 -6.61 -11.65 6.24
CA GLU A 336 -7.63 -11.61 7.31
C GLU A 336 -7.05 -12.30 8.53
N ASN A 337 -7.27 -11.73 9.70
CA ASN A 337 -6.84 -12.33 10.98
C ASN A 337 -7.93 -13.17 11.61
N GLN A 338 -7.66 -14.44 11.82
CA GLN A 338 -8.57 -15.29 12.55
C GLN A 338 -8.49 -14.93 14.04
N GLY A 339 -7.37 -14.41 14.56
CA GLY A 339 -7.23 -14.05 16.01
C GLY A 339 -7.56 -12.58 16.27
N SER A 340 -7.84 -12.20 17.50
CA SER A 340 -7.88 -10.77 17.92
C SER A 340 -6.45 -10.28 18.14
N MET A 341 -6.27 -9.00 18.46
CA MET A 341 -4.92 -8.48 18.83
C MET A 341 -4.52 -8.99 20.23
N ASP A 342 -5.46 -9.52 21.02
CA ASP A 342 -5.11 -10.09 22.35
C ASP A 342 -4.48 -11.47 22.22
N ALA A 343 -4.37 -12.10 21.07
CA ALA A 343 -3.89 -13.49 21.00
C ALA A 343 -2.40 -13.52 21.36
N LEU A 344 -1.90 -14.63 21.92
CA LEU A 344 -0.44 -14.83 22.09
C LEU A 344 0.20 -14.61 20.71
N ASN A 345 -0.32 -15.28 19.68
CA ASN A 345 0.21 -15.21 18.29
C ASN A 345 -0.87 -14.87 17.25
N MET A 346 -0.37 -14.34 16.16
CA MET A 346 -1.07 -13.99 14.91
C MET A 346 -1.58 -15.28 14.28
N ASP A 347 -2.70 -15.22 13.57
CA ASP A 347 -3.23 -16.39 12.83
C ASP A 347 -3.93 -15.90 11.58
N THR A 348 -3.24 -15.28 10.68
CA THR A 348 -3.88 -14.71 9.49
C THR A 348 -3.95 -15.77 8.39
N VAL A 349 -4.92 -15.55 7.53
CA VAL A 349 -5.12 -16.29 6.25
C VAL A 349 -5.11 -15.26 5.10
N CYS A 350 -4.77 -15.76 3.94
CA CYS A 350 -5.01 -15.07 2.66
C CYS A 350 -6.26 -15.68 2.03
N ARG A 351 -7.22 -14.84 1.76
CA ARG A 351 -8.47 -15.24 1.07
C ARG A 351 -8.46 -14.56 -0.31
N LEU A 352 -8.68 -15.34 -1.35
CA LEU A 352 -8.79 -14.88 -2.76
C LEU A 352 -10.28 -14.90 -3.14
N TYR A 353 -10.79 -13.78 -3.61
CA TYR A 353 -12.21 -13.61 -4.04
C TYR A 353 -12.22 -13.29 -5.54
N GLU A 354 -13.13 -13.87 -6.29
CA GLU A 354 -13.31 -13.46 -7.70
C GLU A 354 -14.28 -12.27 -7.65
N VAL A 355 -13.93 -11.16 -8.31
CA VAL A 355 -14.75 -9.89 -8.34
C VAL A 355 -15.69 -9.83 -9.56
N GLY A 356 -15.23 -10.08 -10.81
CA GLY A 356 -13.88 -10.42 -11.23
C GLY A 356 -13.87 -11.22 -12.52
#